data_3IR9
#
_entry.id   3IR9
#
_cell.length_a   116.124
_cell.length_b   116.124
_cell.length_c   71.454
_cell.angle_alpha   90.00
_cell.angle_beta   90.00
_cell.angle_gamma   120.00
#
_symmetry.space_group_name_H-M   'H 3'
#
loop_
_entity.id
_entity.type
_entity.pdbx_description
1 polymer 'Peptide chain release factor subunit 1'
2 non-polymer 'ZINC ION'
3 water water
#
_entity_poly.entity_id   1
_entity_poly.type   'polypeptide(L)'
_entity_poly.pdbx_seq_one_letter_code
;SNAYTDESGLSELVNAAGEKLQDLEL(MSE)GQKNAVRDFFKELIADSGKVAYGESQVRANLEINSVDVLLLSEDLRAER
VTTKCSVCGYENKWTRRWKPGEPAPAAGNCPKCGSSLEVTDVTDIVDEFSELADKSNAKVVFVSTDFDEGSQL(MSE)NA
FGGIAAILRYNTGV
;
_entity_poly.pdbx_strand_id   A,B
#
# COMPACT_ATOMS: atom_id res chain seq x y z
N ALA A 3 -13.11 -22.65 -4.47
CA ALA A 3 -13.90 -22.35 -5.67
C ALA A 3 -13.65 -20.92 -6.17
N TYR A 4 -13.29 -20.03 -5.24
CA TYR A 4 -13.08 -18.62 -5.58
C TYR A 4 -11.75 -18.04 -5.09
N THR A 5 -10.97 -18.85 -4.37
CA THR A 5 -9.66 -18.43 -3.89
C THR A 5 -8.81 -19.67 -3.55
N ASP A 6 -7.49 -19.53 -3.65
CA ASP A 6 -6.59 -20.69 -3.54
C ASP A 6 -6.76 -21.48 -2.24
N GLU A 7 -6.54 -22.79 -2.34
CA GLU A 7 -6.77 -23.72 -1.24
C GLU A 7 -5.64 -24.75 -1.15
N SER A 8 -5.04 -25.05 -2.30
CA SER A 8 -3.91 -25.97 -2.37
C SER A 8 -2.71 -25.36 -1.65
N GLY A 9 -2.89 -24.14 -1.16
CA GLY A 9 -1.89 -23.49 -0.35
C GLY A 9 -0.62 -23.10 -1.08
N LEU A 10 -0.75 -22.67 -2.33
CA LEU A 10 0.39 -22.11 -3.06
C LEU A 10 0.45 -20.62 -2.76
N SER A 11 -0.72 -20.01 -2.64
CA SER A 11 -0.82 -18.64 -2.20
C SER A 11 -0.01 -18.47 -0.94
N GLU A 12 -0.34 -19.27 0.08
CA GLU A 12 0.36 -19.25 1.36
C GLU A 12 1.87 -19.49 1.20
N LEU A 13 2.25 -20.34 0.26
CA LEU A 13 3.67 -20.61 0.01
C LEU A 13 4.35 -19.40 -0.60
N VAL A 14 3.94 -19.04 -1.81
CA VAL A 14 4.45 -17.84 -2.46
C VAL A 14 4.34 -16.65 -1.52
N ASN A 15 3.22 -16.59 -0.80
CA ASN A 15 3.00 -15.54 0.18
C ASN A 15 4.14 -15.50 1.18
N ALA A 16 4.50 -16.68 1.69
CA ALA A 16 5.54 -16.81 2.71
C ALA A 16 6.86 -16.16 2.30
N ALA A 17 7.51 -16.71 1.26
CA ALA A 17 8.76 -16.17 0.78
C ALA A 17 8.71 -14.66 0.64
N GLY A 18 7.64 -14.17 0.04
CA GLY A 18 7.46 -12.74 -0.20
C GLY A 18 7.68 -11.86 1.02
N GLU A 19 7.11 -12.25 2.15
CA GLU A 19 7.21 -11.45 3.38
C GLU A 19 8.63 -11.46 3.94
N LYS A 20 9.28 -12.62 3.88
CA LYS A 20 10.66 -12.74 4.34
C LYS A 20 11.58 -11.86 3.51
N LEU A 21 11.37 -11.88 2.18
CA LEU A 21 12.19 -11.09 1.27
C LEU A 21 12.09 -9.60 1.59
N GLN A 22 10.87 -9.13 1.85
CA GLN A 22 10.67 -7.75 2.30
C GLN A 22 11.56 -7.42 3.50
N ASP A 23 11.51 -8.28 4.52
CA ASP A 23 12.30 -8.06 5.74
C ASP A 23 13.80 -8.05 5.44
N LEU A 24 14.20 -8.82 4.42
CA LEU A 24 15.57 -8.76 3.92
C LEU A 24 15.79 -7.41 3.28
N GLU A 25 14.77 -6.91 2.58
CA GLU A 25 14.87 -5.61 1.93
C GLU A 25 15.24 -4.56 2.95
N LEU A 26 14.42 -4.41 3.98
CA LEU A 26 14.63 -3.39 5.00
C LEU A 26 15.95 -3.58 5.73
N GLY A 28 18.65 -4.54 4.17
CA GLY A 28 19.55 -3.90 3.22
C GLY A 28 19.38 -2.39 3.19
N GLN A 29 18.15 -1.91 3.29
CA GLN A 29 17.86 -0.47 3.32
C GLN A 29 18.41 0.22 4.56
N LYS A 30 18.33 -0.47 5.71
CA LYS A 30 18.89 0.06 6.94
C LYS A 30 20.40 0.18 6.85
N ASN A 31 21.08 -0.97 6.75
CA ASN A 31 22.53 -1.01 6.65
C ASN A 31 23.08 -0.03 5.64
N ALA A 32 22.32 0.23 4.57
CA ALA A 32 22.75 1.14 3.53
C ALA A 32 22.74 2.60 3.99
N VAL A 33 21.66 3.04 4.62
CA VAL A 33 21.61 4.37 5.18
C VAL A 33 22.72 4.51 6.21
N ARG A 34 22.86 3.49 7.04
CA ARG A 34 23.87 3.47 8.10
C ARG A 34 25.28 3.56 7.52
N ASP A 35 25.53 2.82 6.45
CA ASP A 35 26.84 2.86 5.78
C ASP A 35 27.09 4.24 5.16
N PHE A 36 26.03 4.91 4.73
CA PHE A 36 26.15 6.29 4.27
C PHE A 36 26.56 7.17 5.44
N PHE A 37 25.87 6.99 6.56
CA PHE A 37 26.18 7.73 7.78
C PHE A 37 27.62 7.47 8.24
N LYS A 38 28.01 6.20 8.29
CA LYS A 38 29.35 5.82 8.76
C LYS A 38 30.45 6.37 7.87
N GLU A 39 30.14 6.60 6.60
CA GLU A 39 31.10 7.17 5.67
C GLU A 39 31.15 8.69 5.84
N LEU A 40 30.00 9.24 6.20
CA LEU A 40 29.86 10.68 6.39
C LEU A 40 30.62 11.13 7.63
N ILE A 41 30.36 10.45 8.75
CA ILE A 41 31.01 10.76 10.01
C ILE A 41 32.52 10.68 9.87
N ALA A 42 32.99 9.56 9.34
CA ALA A 42 34.42 9.34 9.13
C ALA A 42 34.91 10.32 8.06
N ASP A 43 34.17 11.41 7.88
CA ASP A 43 34.47 12.40 6.85
C ASP A 43 34.72 11.77 5.49
N SER A 44 35.98 11.47 5.23
CA SER A 44 36.44 10.90 3.97
C SER A 44 36.19 11.80 2.75
N GLY A 45 35.03 12.45 2.71
CA GLY A 45 34.62 13.16 1.52
C GLY A 45 34.18 12.13 0.49
N LYS A 46 33.68 11.00 0.99
CA LYS A 46 33.24 9.90 0.15
C LYS A 46 31.74 9.75 0.20
N VAL A 47 31.06 10.85 0.50
CA VAL A 47 29.61 10.86 0.52
C VAL A 47 29.10 12.05 -0.26
N ALA A 48 27.79 12.13 -0.39
CA ALA A 48 27.16 13.24 -1.08
C ALA A 48 25.66 13.07 -0.96
N TYR A 49 24.97 14.18 -0.82
CA TYR A 49 23.52 14.13 -0.62
C TYR A 49 22.87 15.38 -1.22
N GLY A 50 21.57 15.30 -1.47
CA GLY A 50 20.88 16.40 -2.10
C GLY A 50 20.90 16.28 -3.61
N GLU A 51 19.85 16.77 -4.24
CA GLU A 51 19.69 16.67 -5.67
C GLU A 51 20.88 17.18 -6.47
N SER A 52 21.30 18.41 -6.19
CA SER A 52 22.36 19.04 -6.97
C SER A 52 23.71 18.33 -6.80
N GLN A 53 24.08 18.08 -5.54
CA GLN A 53 25.38 17.48 -5.22
C GLN A 53 25.52 16.03 -5.70
N VAL A 54 24.46 15.25 -5.52
CA VAL A 54 24.50 13.87 -5.97
C VAL A 54 24.41 13.77 -7.50
N ARG A 55 23.69 14.69 -8.13
CA ARG A 55 23.55 14.67 -9.59
C ARG A 55 24.91 14.74 -10.29
N ALA A 56 25.73 15.70 -9.88
CA ALA A 56 27.02 15.96 -10.51
C ALA A 56 28.01 14.80 -10.40
N ASN A 57 27.86 14.00 -9.34
CA ASN A 57 28.73 12.86 -9.13
C ASN A 57 28.35 11.72 -10.06
N LEU A 58 27.04 11.54 -10.25
CA LEU A 58 26.54 10.52 -11.17
C LEU A 58 26.99 10.78 -12.59
N GLU A 59 27.12 12.06 -12.93
CA GLU A 59 27.50 12.48 -14.28
C GLU A 59 29.00 12.34 -14.49
N ILE A 60 29.69 11.80 -13.50
CA ILE A 60 31.10 11.52 -13.65
C ILE A 60 31.40 10.13 -13.11
N ASN A 61 30.35 9.32 -12.98
CA ASN A 61 30.49 7.91 -12.68
C ASN A 61 31.18 7.65 -11.35
N SER A 62 31.10 8.62 -10.44
CA SER A 62 31.79 8.53 -9.15
C SER A 62 30.96 7.89 -8.04
N VAL A 63 29.71 7.57 -8.34
CA VAL A 63 28.82 7.05 -7.31
C VAL A 63 28.86 5.53 -7.20
N ASP A 64 29.32 5.06 -6.05
CA ASP A 64 29.34 3.63 -5.76
C ASP A 64 27.95 3.15 -5.36
N VAL A 65 27.33 3.86 -4.41
CA VAL A 65 25.99 3.54 -3.91
C VAL A 65 25.08 4.77 -3.94
N LEU A 66 23.90 4.63 -4.54
CA LEU A 66 22.92 5.72 -4.62
C LEU A 66 21.73 5.51 -3.70
N LEU A 67 21.40 6.52 -2.91
CA LEU A 67 20.28 6.42 -1.97
C LEU A 67 19.14 7.40 -2.29
N LEU A 68 17.93 6.86 -2.47
CA LEU A 68 16.74 7.64 -2.78
C LEU A 68 15.60 7.30 -1.81
N SER A 69 14.95 8.30 -1.24
CA SER A 69 13.82 8.03 -0.33
C SER A 69 12.60 7.55 -1.11
N GLU A 70 11.77 6.76 -0.45
CA GLU A 70 10.56 6.24 -1.06
C GLU A 70 9.51 7.34 -1.13
N ASP A 71 9.93 8.57 -0.80
CA ASP A 71 9.00 9.70 -0.72
C ASP A 71 9.28 10.83 -1.69
N LEU A 72 10.31 10.67 -2.50
CA LEU A 72 10.70 11.69 -3.47
C LEU A 72 9.56 12.06 -4.39
N ARG A 73 8.98 13.23 -4.18
CA ARG A 73 7.90 13.71 -5.04
C ARG A 73 8.37 14.91 -5.84
N ALA A 74 9.05 14.66 -6.96
CA ALA A 74 9.63 15.74 -7.76
C ALA A 74 10.07 15.29 -9.16
N GLU A 75 9.79 16.12 -10.17
CA GLU A 75 10.19 15.80 -11.54
C GLU A 75 11.29 16.73 -12.04
N ARG A 76 12.05 16.26 -13.02
CA ARG A 76 13.06 17.08 -13.67
C ARG A 76 12.55 17.56 -15.03
N VAL A 77 12.46 18.87 -15.18
CA VAL A 77 11.91 19.44 -16.40
C VAL A 77 13.01 20.00 -17.31
N THR A 78 13.09 19.46 -18.52
CA THR A 78 13.97 20.04 -19.52
C THR A 78 13.17 20.95 -20.44
N THR A 79 13.77 22.08 -20.79
CA THR A 79 13.17 22.99 -21.75
C THR A 79 14.23 23.42 -22.78
N LYS A 80 13.79 23.68 -24.01
CA LYS A 80 14.72 24.09 -25.06
C LYS A 80 14.11 25.12 -26.02
N CYS A 81 14.93 26.06 -26.46
CA CYS A 81 14.44 27.11 -27.35
C CYS A 81 14.20 26.57 -28.75
N SER A 82 13.12 27.03 -29.35
CA SER A 82 12.67 26.53 -30.64
C SER A 82 13.50 27.02 -31.83
N VAL A 83 14.41 27.96 -31.58
CA VAL A 83 15.27 28.46 -32.66
C VAL A 83 16.76 28.46 -32.31
N CYS A 84 17.14 29.12 -31.23
CA CYS A 84 18.54 29.18 -30.86
C CYS A 84 18.90 28.02 -29.94
N GLY A 85 20.16 27.96 -29.51
CA GLY A 85 20.65 26.84 -28.74
C GLY A 85 20.37 26.93 -27.26
N TYR A 86 19.48 27.82 -26.86
CA TYR A 86 19.18 27.97 -25.43
C TYR A 86 18.50 26.72 -24.86
N GLU A 87 18.88 26.35 -23.64
CA GLU A 87 18.19 25.29 -22.89
C GLU A 87 18.36 25.48 -21.40
N ASN A 88 17.48 24.86 -20.62
CA ASN A 88 17.63 24.81 -19.17
C ASN A 88 16.92 23.58 -18.60
N LYS A 89 17.36 23.14 -17.43
CA LYS A 89 16.70 22.07 -16.70
C LYS A 89 16.46 22.57 -15.30
N TRP A 90 15.58 21.91 -14.57
CA TRP A 90 15.33 22.24 -13.19
C TRP A 90 14.36 21.23 -12.61
N THR A 91 14.34 21.12 -11.30
CA THR A 91 13.48 20.15 -10.67
C THR A 91 12.32 20.85 -9.97
N ARG A 92 11.12 20.36 -10.27
CA ARG A 92 9.91 20.89 -9.66
C ARG A 92 9.19 19.78 -8.92
N ARG A 93 8.71 20.11 -7.72
CA ARG A 93 7.90 19.18 -6.95
C ARG A 93 6.57 19.00 -7.66
N TRP A 94 6.21 17.77 -8.01
CA TRP A 94 4.94 17.54 -8.72
CA TRP A 94 4.94 17.53 -8.72
C TRP A 94 3.73 17.78 -7.83
N LYS A 95 2.69 18.34 -8.43
CA LYS A 95 1.40 18.56 -7.77
C LYS A 95 0.32 18.31 -8.83
N PRO A 96 -0.95 18.15 -8.40
CA PRO A 96 -2.06 17.84 -9.31
C PRO A 96 -1.86 18.36 -10.74
N PRO A 99 -1.08 20.58 -12.79
CA PRO A 99 -1.23 20.39 -14.23
C PRO A 99 0.04 19.86 -14.88
N ALA A 100 0.71 20.72 -15.64
CA ALA A 100 1.95 20.38 -16.31
C ALA A 100 2.78 21.64 -16.43
N PRO A 101 4.11 21.48 -16.54
CA PRO A 101 5.05 22.61 -16.52
C PRO A 101 4.97 23.43 -17.81
N ALA A 102 5.22 24.73 -17.72
CA ALA A 102 5.06 25.61 -18.88
C ALA A 102 6.38 26.07 -19.50
N ALA A 103 6.28 26.58 -20.71
CA ALA A 103 7.42 27.13 -21.43
C ALA A 103 7.11 28.53 -21.96
N GLY A 104 7.73 29.54 -21.35
CA GLY A 104 7.57 30.92 -21.77
C GLY A 104 8.44 31.28 -22.97
N ASN A 105 9.18 32.38 -22.86
CA ASN A 105 10.04 32.88 -23.95
C ASN A 105 11.54 32.74 -23.68
N CYS A 106 12.32 32.84 -24.76
CA CYS A 106 13.77 32.69 -24.69
C CYS A 106 14.46 33.97 -24.20
N PRO A 107 15.17 33.87 -23.08
CA PRO A 107 15.84 35.05 -22.52
C PRO A 107 17.04 35.42 -23.39
N LYS A 108 17.27 34.62 -24.44
CA LYS A 108 18.39 34.86 -25.36
C LYS A 108 17.93 35.51 -26.67
N CYS A 109 16.91 34.95 -27.30
CA CYS A 109 16.46 35.43 -28.62
C CYS A 109 14.98 35.82 -28.63
N GLY A 110 14.31 35.61 -27.50
CA GLY A 110 12.93 35.99 -27.37
C GLY A 110 11.93 35.06 -28.03
N SER A 111 12.39 33.94 -28.56
CA SER A 111 11.49 32.96 -29.17
C SER A 111 10.81 32.12 -28.10
N SER A 112 9.72 31.44 -28.47
CA SER A 112 9.00 30.60 -27.53
C SER A 112 9.82 29.36 -27.15
N LEU A 113 10.02 29.17 -25.85
CA LEU A 113 10.59 27.93 -25.34
C LEU A 113 9.51 26.85 -25.38
N GLU A 114 9.92 25.60 -25.22
CA GLU A 114 8.98 24.48 -25.19
C GLU A 114 9.58 23.37 -24.34
N VAL A 115 8.77 22.76 -23.48
CA VAL A 115 9.26 21.66 -22.65
C VAL A 115 9.44 20.42 -23.50
N THR A 116 10.63 19.85 -23.46
CA THR A 116 10.96 18.72 -24.34
C THR A 116 10.87 17.35 -23.64
N ASP A 117 10.94 17.35 -22.31
CA ASP A 117 10.75 16.13 -21.55
C ASP A 117 10.54 16.42 -20.07
N VAL A 118 9.67 15.64 -19.45
CA VAL A 118 9.54 15.63 -18.01
C VAL A 118 9.80 14.21 -17.53
N THR A 119 10.62 14.09 -16.49
CA THR A 119 11.01 12.80 -15.94
C THR A 119 11.06 12.95 -14.42
N ASP A 120 10.43 12.02 -13.71
CA ASP A 120 10.52 12.03 -12.25
C ASP A 120 12.00 12.01 -11.90
N ILE A 121 12.37 12.61 -10.78
CA ILE A 121 13.78 12.61 -10.38
C ILE A 121 14.33 11.19 -10.15
N VAL A 122 13.58 10.36 -9.43
CA VAL A 122 14.01 8.98 -9.18
C VAL A 122 14.34 8.21 -10.47
N ASP A 123 13.67 8.57 -11.56
CA ASP A 123 14.00 8.01 -12.87
C ASP A 123 15.41 8.41 -13.27
N GLU A 124 15.60 9.71 -13.52
CA GLU A 124 16.86 10.25 -14.00
C GLU A 124 18.07 9.72 -13.24
N PHE A 125 17.94 9.62 -11.92
CA PHE A 125 19.05 9.24 -11.06
C PHE A 125 19.36 7.74 -11.14
N SER A 126 18.33 6.95 -11.47
CA SER A 126 18.51 5.52 -11.67
C SER A 126 19.10 5.23 -13.05
N GLU A 127 18.73 6.04 -14.03
CA GLU A 127 19.30 5.97 -15.37
C GLU A 127 20.81 6.22 -15.32
N LEU A 128 21.20 7.26 -14.58
CA LEU A 128 22.61 7.59 -14.44
C LEU A 128 23.33 6.56 -13.58
N ALA A 129 22.71 6.16 -12.47
CA ALA A 129 23.28 5.11 -11.63
C ALA A 129 23.62 3.91 -12.50
N ASP A 130 22.62 3.40 -13.20
CA ASP A 130 22.79 2.23 -14.05
C ASP A 130 23.96 2.44 -15.00
N LYS A 131 23.98 3.61 -15.62
CA LYS A 131 25.06 4.01 -16.53
C LYS A 131 26.45 3.72 -15.94
N SER A 132 26.72 4.25 -14.74
CA SER A 132 28.05 4.14 -14.14
C SER A 132 28.22 2.92 -13.24
N ASN A 133 27.32 1.95 -13.36
CA ASN A 133 27.36 0.74 -12.55
C ASN A 133 27.14 0.99 -11.06
N ALA A 134 26.72 2.20 -10.73
CA ALA A 134 26.36 2.51 -9.35
C ALA A 134 25.28 1.54 -8.88
N LYS A 135 25.32 1.19 -7.61
CA LYS A 135 24.28 0.36 -6.99
C LYS A 135 23.10 1.24 -6.56
N VAL A 136 21.89 0.81 -6.91
CA VAL A 136 20.68 1.59 -6.62
C VAL A 136 19.87 1.03 -5.45
N VAL A 137 19.80 1.79 -4.36
CA VAL A 137 19.07 1.41 -3.15
C VAL A 137 17.92 2.38 -2.84
N PHE A 138 16.76 1.84 -2.47
CA PHE A 138 15.62 2.67 -2.10
C PHE A 138 15.39 2.64 -0.59
N VAL A 139 14.77 3.68 -0.06
CA VAL A 139 14.59 3.78 1.38
C VAL A 139 13.20 4.24 1.78
N SER A 140 12.38 3.30 2.24
CA SER A 140 11.04 3.63 2.70
C SER A 140 11.13 4.66 3.80
N THR A 141 10.09 5.47 3.91
CA THR A 141 10.03 6.52 4.91
C THR A 141 9.46 5.98 6.21
N ASP A 142 10.08 4.92 6.73
CA ASP A 142 9.56 4.29 7.94
C ASP A 142 10.55 4.37 9.10
N PHE A 143 11.60 3.56 9.07
CA PHE A 143 12.62 3.60 10.11
C PHE A 143 13.30 4.96 10.12
N ASP A 144 13.78 5.38 11.29
CA ASP A 144 14.26 6.74 11.45
C ASP A 144 15.27 7.05 10.34
N GLU A 145 16.22 6.16 10.17
CA GLU A 145 17.25 6.31 9.16
C GLU A 145 16.63 6.72 7.84
N GLY A 146 15.67 5.92 7.37
CA GLY A 146 14.96 6.20 6.14
C GLY A 146 14.08 7.42 6.21
N SER A 147 13.82 7.85 7.44
CA SER A 147 13.06 9.07 7.66
C SER A 147 13.98 10.28 7.54
N GLN A 148 15.08 10.26 8.29
CA GLN A 148 16.07 11.34 8.20
C GLN A 148 16.56 11.50 6.77
N LEU A 149 16.74 10.38 6.07
CA LEU A 149 17.16 10.42 4.67
C LEU A 149 16.37 11.49 3.90
N ASN A 151 14.13 13.69 5.40
CA ASN A 151 14.05 14.90 6.23
C ASN A 151 15.21 15.85 5.96
N ALA A 152 16.42 15.36 6.20
CA ALA A 152 17.62 16.17 6.06
C ALA A 152 18.17 16.17 4.64
N PHE A 153 18.61 15.01 4.18
CA PHE A 153 19.42 14.90 2.95
C PHE A 153 18.65 15.02 1.63
N GLY A 154 17.50 15.66 1.66
CA GLY A 154 16.73 15.85 0.44
C GLY A 154 16.17 14.54 -0.11
N GLY A 155 16.40 13.45 0.61
CA GLY A 155 15.87 12.16 0.19
C GLY A 155 16.68 11.59 -0.94
N ILE A 156 17.93 12.05 -1.04
CA ILE A 156 18.87 11.63 -2.07
C ILE A 156 20.28 11.70 -1.52
N ALA A 157 20.88 10.55 -1.25
CA ALA A 157 22.24 10.53 -0.72
C ALA A 157 23.10 9.65 -1.60
N ALA A 158 24.37 9.49 -1.22
CA ALA A 158 25.27 8.62 -1.96
C ALA A 158 26.60 8.41 -1.25
N ILE A 159 27.07 7.17 -1.27
CA ILE A 159 28.43 6.86 -0.89
C ILE A 159 29.24 6.86 -2.18
N LEU A 160 30.40 7.52 -2.17
CA LEU A 160 31.19 7.67 -3.37
C LEU A 160 32.31 6.63 -3.44
N ARG A 161 32.82 6.40 -4.64
CA ARG A 161 33.96 5.50 -4.84
C ARG A 161 35.24 6.18 -4.41
N TYR A 162 35.31 7.49 -4.65
CA TYR A 162 36.45 8.32 -4.26
C TYR A 162 36.02 9.73 -3.82
N ASN A 163 36.97 10.49 -3.28
CA ASN A 163 36.70 11.87 -2.85
C ASN A 163 36.86 12.85 -4.01
N THR A 164 35.75 13.29 -4.58
CA THR A 164 35.77 14.29 -5.63
C THR A 164 35.96 15.66 -5.01
N GLY A 165 35.74 15.73 -3.69
CA GLY A 165 35.76 16.99 -2.99
C GLY A 165 34.51 17.78 -3.31
N VAL A 166 34.05 17.60 -4.55
CA VAL A 166 32.78 18.15 -5.01
C VAL A 166 31.68 17.90 -3.99
N ALA B 3 25.62 -6.66 -1.33
CA ALA B 3 25.74 -6.25 0.08
C ALA B 3 24.45 -5.64 0.62
N TYR B 4 23.52 -5.34 -0.28
CA TYR B 4 22.26 -4.69 0.11
C TYR B 4 21.01 -5.31 -0.53
N THR B 5 21.19 -6.23 -1.47
CA THR B 5 20.04 -6.80 -2.18
C THR B 5 20.18 -8.29 -2.49
N ASP B 6 19.09 -8.88 -2.98
CA ASP B 6 19.09 -10.27 -3.40
C ASP B 6 19.53 -10.37 -4.86
N GLU B 7 20.78 -10.74 -5.07
CA GLU B 7 21.30 -10.93 -6.41
C GLU B 7 21.44 -12.42 -6.67
N SER B 8 20.47 -13.18 -6.19
CA SER B 8 20.41 -14.60 -6.42
C SER B 8 19.38 -14.90 -7.50
N GLY B 9 18.56 -13.89 -7.79
CA GLY B 9 17.45 -14.04 -8.71
C GLY B 9 16.22 -14.59 -8.01
N LEU B 10 16.40 -14.97 -6.75
CA LEU B 10 15.31 -15.53 -5.95
C LEU B 10 14.13 -14.58 -5.91
N SER B 11 14.41 -13.33 -5.53
CA SER B 11 13.39 -12.29 -5.52
C SER B 11 12.62 -12.28 -6.82
N GLU B 12 13.33 -11.98 -7.90
CA GLU B 12 12.72 -11.84 -9.21
C GLU B 12 11.65 -12.91 -9.46
N LEU B 13 11.91 -14.14 -9.02
CA LEU B 13 10.99 -15.26 -9.27
C LEU B 13 9.76 -15.19 -8.36
N VAL B 14 10.00 -15.00 -7.07
CA VAL B 14 8.94 -15.01 -6.07
C VAL B 14 8.05 -13.77 -6.21
N ASN B 15 8.70 -12.63 -6.38
CA ASN B 15 8.00 -11.37 -6.61
C ASN B 15 7.12 -11.52 -7.85
N ALA B 16 7.64 -12.22 -8.85
CA ALA B 16 6.90 -12.48 -10.08
C ALA B 16 5.81 -13.51 -9.86
N ALA B 17 6.14 -14.58 -9.14
CA ALA B 17 5.17 -15.62 -8.83
C ALA B 17 4.06 -15.06 -7.96
N GLY B 18 4.39 -14.04 -7.17
CA GLY B 18 3.42 -13.35 -6.34
C GLY B 18 2.53 -12.46 -7.20
N GLU B 19 2.97 -12.19 -8.42
CA GLU B 19 2.21 -11.39 -9.37
C GLU B 19 1.23 -12.27 -10.13
N LYS B 20 1.71 -13.42 -10.60
CA LYS B 20 0.88 -14.39 -11.29
C LYS B 20 -0.29 -14.84 -10.40
N LEU B 21 -0.01 -15.09 -9.12
CA LEU B 21 -1.04 -15.55 -8.18
C LEU B 21 -1.97 -14.44 -7.71
N GLN B 22 -1.50 -13.19 -7.75
CA GLN B 22 -2.39 -12.06 -7.50
C GLN B 22 -3.28 -11.86 -8.72
N ASP B 23 -2.69 -12.01 -9.90
CA ASP B 23 -3.46 -12.02 -11.14
C ASP B 23 -4.69 -12.91 -10.95
N LEU B 24 -4.45 -14.12 -10.45
CA LEU B 24 -5.47 -15.16 -10.33
C LEU B 24 -6.48 -14.89 -9.23
N GLU B 25 -5.99 -14.53 -8.05
CA GLU B 25 -6.85 -14.26 -6.90
C GLU B 25 -7.92 -13.23 -7.26
N LEU B 26 -7.58 -12.33 -8.18
CA LEU B 26 -8.47 -11.25 -8.56
C LEU B 26 -9.57 -11.69 -9.54
N GLY B 28 -10.73 -14.62 -9.55
CA GLY B 28 -11.59 -15.36 -8.65
C GLY B 28 -12.57 -14.48 -7.91
N GLN B 29 -12.10 -13.33 -7.44
CA GLN B 29 -12.95 -12.37 -6.74
C GLN B 29 -14.01 -11.83 -7.66
N LYS B 30 -13.73 -11.84 -8.96
CA LYS B 30 -14.72 -11.48 -9.97
C LYS B 30 -15.64 -12.67 -10.22
N ASN B 31 -15.11 -13.88 -10.11
CA ASN B 31 -15.94 -15.08 -10.13
C ASN B 31 -17.05 -14.97 -9.09
N ALA B 32 -16.67 -14.62 -7.87
CA ALA B 32 -17.57 -14.64 -6.72
C ALA B 32 -18.62 -13.53 -6.75
N VAL B 33 -18.22 -12.32 -7.12
CA VAL B 33 -19.15 -11.20 -7.20
C VAL B 33 -20.16 -11.39 -8.34
N ARG B 34 -19.68 -11.97 -9.45
CA ARG B 34 -20.53 -12.27 -10.60
C ARG B 34 -21.58 -13.30 -10.23
N ASP B 35 -21.15 -14.30 -9.47
CA ASP B 35 -22.04 -15.38 -9.05
C ASP B 35 -23.08 -14.90 -8.04
N PHE B 36 -22.69 -13.96 -7.18
CA PHE B 36 -23.64 -13.38 -6.24
C PHE B 36 -24.73 -12.60 -6.97
N PHE B 37 -24.31 -11.77 -7.93
CA PHE B 37 -25.25 -10.99 -8.73
C PHE B 37 -26.15 -11.87 -9.60
N LYS B 38 -25.64 -13.03 -10.02
CA LYS B 38 -26.43 -13.97 -10.81
C LYS B 38 -27.53 -14.62 -9.95
N GLU B 39 -27.17 -14.96 -8.71
CA GLU B 39 -28.14 -15.51 -7.77
C GLU B 39 -29.24 -14.50 -7.53
N LEU B 40 -28.82 -13.26 -7.28
CA LEU B 40 -29.72 -12.15 -7.04
C LEU B 40 -30.74 -12.01 -8.17
N ILE B 41 -30.24 -12.00 -9.40
CA ILE B 41 -31.10 -12.11 -10.57
C ILE B 41 -31.89 -13.41 -10.45
N ALA B 42 -31.15 -14.51 -10.32
CA ALA B 42 -32.91 -16.51 -10.38
C ALA B 42 -33.53 -16.56 -8.99
N ASP B 43 -33.01 -15.78 -8.05
CA ASP B 43 -33.53 -15.83 -6.68
C ASP B 43 -33.06 -14.67 -5.78
N SER B 44 -34.01 -13.85 -5.32
CA SER B 44 -33.71 -12.80 -4.36
C SER B 44 -33.65 -13.38 -2.95
N GLY B 45 -33.85 -14.69 -2.83
CA GLY B 45 -33.88 -15.34 -1.53
C GLY B 45 -32.81 -16.40 -1.36
N LYS B 46 -31.87 -16.45 -2.29
CA LYS B 46 -30.81 -17.45 -2.25
C LYS B 46 -29.43 -16.80 -2.17
N VAL B 47 -29.40 -15.47 -2.20
CA VAL B 47 -28.15 -14.75 -2.13
C VAL B 47 -29.32 -14.04 0.37
N ALA B 48 -28.38 -13.11 0.32
CA ALA B 48 -28.28 -12.13 1.40
C ALA B 48 -27.27 -11.04 1.12
N TYR B 49 -27.57 -9.85 1.64
CA TYR B 49 -26.68 -8.71 1.55
C TYR B 49 -26.97 -7.82 2.75
N GLY B 50 -25.99 -7.02 3.15
CA GLY B 50 -26.14 -6.19 4.33
C GLY B 50 -25.71 -6.91 5.58
N GLU B 51 -25.10 -6.18 6.50
CA GLU B 51 -24.71 -6.69 7.81
C GLU B 51 -25.83 -7.49 8.50
N SER B 52 -27.06 -7.01 8.37
CA SER B 52 -28.18 -7.60 9.11
C SER B 52 -28.57 -8.98 8.57
N GLN B 53 -28.95 -9.04 7.30
CA GLN B 53 -29.44 -10.28 6.68
C GLN B 53 -28.35 -11.35 6.63
N VAL B 54 -27.11 -10.93 6.44
CA VAL B 54 -25.99 -11.85 6.30
C VAL B 54 -25.59 -12.49 7.63
N ARG B 55 -25.46 -11.68 8.68
CA ARG B 55 -25.18 -12.21 10.02
C ARG B 55 -26.26 -13.18 10.45
N ALA B 56 -27.51 -12.80 10.21
CA ALA B 56 -28.65 -13.65 10.53
C ALA B 56 -28.53 -15.01 9.84
N ASN B 57 -27.97 -15.01 8.63
CA ASN B 57 -27.83 -16.23 7.84
C ASN B 57 -26.63 -17.09 8.20
N LEU B 58 -25.52 -16.45 8.55
CA LEU B 58 -24.34 -17.19 8.99
C LEU B 58 -24.59 -17.89 10.33
N GLU B 59 -25.26 -17.18 11.23
CA GLU B 59 -25.66 -17.75 12.51
C GLU B 59 -26.39 -19.07 12.32
N ILE B 60 -27.09 -19.20 11.21
CA ILE B 60 -27.88 -20.39 10.95
C ILE B 60 -27.23 -21.25 9.87
N ASN B 61 -25.94 -21.00 9.64
CA ASN B 61 -25.13 -21.80 8.73
C ASN B 61 -25.80 -22.05 7.38
N SER B 62 -26.32 -20.97 6.78
CA SER B 62 -27.02 -21.07 5.50
C SER B 62 -26.28 -20.31 4.42
N VAL B 63 -25.08 -19.84 4.72
CA VAL B 63 -24.27 -19.12 3.74
C VAL B 63 -23.31 -20.09 3.03
N ASP B 64 -23.52 -20.24 1.73
CA ASP B 64 -22.65 -21.06 0.90
C ASP B 64 -21.34 -20.32 0.67
N VAL B 65 -21.45 -19.04 0.34
CA VAL B 65 -20.29 -18.18 0.06
C VAL B 65 -20.51 -16.77 0.59
N LEU B 66 -19.51 -16.22 1.29
CA LEU B 66 -19.63 -14.90 1.90
C LEU B 66 -18.67 -13.87 1.30
N LEU B 67 -19.20 -12.70 1.00
CA LEU B 67 -18.43 -11.64 0.33
C LEU B 67 -18.18 -10.46 1.26
N LEU B 68 -16.90 -10.14 1.50
CA LEU B 68 -16.52 -9.03 2.37
C LEU B 68 -15.61 -8.03 1.65
N SER B 69 -16.03 -6.77 1.61
CA SER B 69 -15.24 -5.71 0.96
C SER B 69 -14.01 -5.36 1.80
N GLU B 70 -12.83 -5.40 1.18
CA GLU B 70 -11.58 -5.09 1.86
C GLU B 70 -11.61 -3.69 2.51
N ASP B 71 -12.46 -2.83 1.96
CA ASP B 71 -12.52 -1.43 2.37
C ASP B 71 -13.56 -1.22 3.47
N LEU B 72 -13.72 -2.23 4.31
CA LEU B 72 -14.72 -2.20 5.38
C LEU B 72 -14.13 -1.80 6.72
N ARG B 73 -14.55 -0.64 7.22
CA ARG B 73 -14.08 -0.14 8.50
C ARG B 73 -15.22 -0.13 9.50
N ALA B 74 -15.31 -1.17 10.34
CA ALA B 74 -16.39 -1.25 11.33
C ALA B 74 -16.08 -2.12 12.55
N GLU B 75 -16.67 -1.75 13.70
CA GLU B 75 -16.43 -2.45 14.97
C GLU B 75 -17.72 -2.83 15.73
N ARG B 76 -17.84 -4.12 16.04
CA ARG B 76 -18.98 -4.66 16.77
C ARG B 76 -18.80 -4.54 18.28
N VAL B 77 -19.63 -3.71 18.91
CA VAL B 77 -19.56 -3.49 20.35
C VAL B 77 -20.54 -4.35 21.13
N THR B 78 -20.11 -4.78 22.32
CA THR B 78 -20.93 -5.62 23.17
C THR B 78 -20.85 -5.11 24.60
N THR B 79 -21.94 -4.53 25.10
CA THR B 79 -21.98 -4.05 26.48
C THR B 79 -22.91 -4.91 27.33
N LYS B 80 -22.41 -5.40 28.45
CA LYS B 80 -23.23 -6.21 29.36
C LYS B 80 -23.49 -5.40 30.62
N CYS B 81 -24.53 -5.75 31.37
CA CYS B 81 -24.75 -5.08 32.63
C CYS B 81 -23.97 -5.76 33.73
N SER B 82 -23.29 -4.93 34.52
CA SER B 82 -22.49 -5.40 35.64
C SER B 82 -23.37 -5.93 36.76
N VAL B 83 -24.67 -6.02 36.50
CA VAL B 83 -25.59 -6.53 37.52
C VAL B 83 -26.59 -7.53 36.93
N CYS B 84 -27.69 -7.04 36.36
CA CYS B 84 -28.66 -7.94 35.77
C CYS B 84 -28.11 -8.56 34.49
N GLY B 85 -28.85 -9.51 33.93
CA GLY B 85 -28.38 -10.23 32.78
C GLY B 85 -28.45 -9.44 31.49
N TYR B 86 -28.63 -8.13 31.60
CA TYR B 86 -28.79 -7.32 30.40
C TYR B 86 -27.54 -7.33 29.52
N GLU B 87 -27.78 -7.23 28.21
CA GLU B 87 -26.71 -7.10 27.22
C GLU B 87 -27.24 -6.63 25.85
N ASN B 88 -26.48 -5.78 25.17
CA ASN B 88 -26.82 -5.36 23.81
C ASN B 88 -25.61 -5.49 22.88
N LYS B 89 -25.84 -5.35 21.58
CA LYS B 89 -24.78 -5.43 20.58
C LYS B 89 -25.00 -4.42 19.45
N TRP B 90 -24.16 -3.41 19.36
CA TRP B 90 -24.27 -2.47 18.26
C TRP B 90 -23.00 -2.35 17.41
N THR B 91 -23.17 -1.84 16.20
CA THR B 91 -22.07 -1.74 15.26
C THR B 91 -21.75 -0.29 15.01
N ARG B 92 -20.47 -0.01 14.79
CA ARG B 92 -19.95 1.35 14.73
C ARG B 92 -18.95 1.45 13.59
N ARG B 93 -19.18 2.39 12.67
CA ARG B 93 -18.23 2.59 11.57
C ARG B 93 -16.87 2.99 12.13
N TRP B 94 -15.79 2.55 11.48
CA TRP B 94 -14.45 2.79 12.01
C TRP B 94 -13.82 4.11 11.58
N LYS B 95 -13.05 4.68 12.50
CA LYS B 95 -12.32 5.91 12.31
C LYS B 95 -11.10 5.88 13.25
N PRO B 96 -10.20 6.87 13.16
CA PRO B 96 -8.97 6.90 13.97
C PRO B 96 -8.95 5.92 15.15
N PRO B 99 -10.77 5.93 18.74
CA PRO B 99 -11.28 5.81 20.11
C PRO B 99 -11.83 4.41 20.45
N ALA B 100 -12.49 4.31 21.60
CA ALA B 100 -13.12 3.07 22.05
C ALA B 100 -14.41 3.41 22.80
N PRO B 101 -15.51 2.72 22.48
CA PRO B 101 -16.85 3.06 22.99
C PRO B 101 -17.03 2.89 24.48
N ALA B 102 -18.06 3.55 25.02
CA ALA B 102 -18.42 3.42 26.42
C ALA B 102 -19.91 3.10 26.55
N ALA B 103 -20.30 2.49 27.66
CA ALA B 103 -21.65 1.96 27.82
C ALA B 103 -22.61 2.93 28.50
N GLY B 104 -22.26 3.38 29.70
CA GLY B 104 -23.16 4.19 30.49
C GLY B 104 -23.92 3.30 31.43
N ASN B 105 -25.18 3.66 31.73
CA ASN B 105 -26.00 2.89 32.67
C ASN B 105 -27.05 2.01 31.98
N CYS B 106 -27.69 1.17 32.79
CA CYS B 106 -28.59 0.12 32.28
C CYS B 106 -30.06 0.53 32.24
N PRO B 107 -30.72 0.31 31.09
CA PRO B 107 -32.15 0.61 30.94
C PRO B 107 -33.01 -0.32 31.78
N LYS B 108 -32.45 -1.43 32.23
CA LYS B 108 -33.21 -2.39 33.03
C LYS B 108 -33.09 -2.10 34.53
N CYS B 109 -31.86 -2.09 35.05
CA CYS B 109 -31.67 -2.00 36.50
C CYS B 109 -30.97 -0.72 36.95
N GLY B 110 -30.50 0.08 35.99
CA GLY B 110 -29.87 1.34 36.32
C GLY B 110 -28.42 1.26 36.71
N SER B 111 -27.90 0.03 36.87
CA SER B 111 -26.50 -0.20 37.19
C SER B 111 -25.58 0.18 36.02
N SER B 112 -24.28 0.07 36.24
CA SER B 112 -23.30 0.45 35.22
C SER B 112 -23.17 -0.57 34.09
N LEU B 113 -23.47 -0.14 32.88
CA LEU B 113 -23.15 -0.94 31.71
C LEU B 113 -21.67 -0.81 31.41
N GLU B 114 -21.06 -1.90 30.97
CA GLU B 114 -19.65 -1.90 30.59
C GLU B 114 -19.49 -2.49 29.20
N VAL B 115 -18.71 -1.84 28.35
CA VAL B 115 -18.35 -2.43 27.07
C VAL B 115 -17.47 -3.61 27.40
N THR B 116 -18.01 -4.81 27.16
CA THR B 116 -17.31 -6.03 27.50
C THR B 116 -16.50 -6.57 26.32
N ASP B 117 -16.74 -6.02 25.13
CA ASP B 117 -16.03 -6.48 23.95
C ASP B 117 -16.16 -5.54 22.75
N VAL B 118 -15.05 -5.32 22.07
CA VAL B 118 -15.07 -4.75 20.75
C VAL B 118 -14.32 -5.74 19.85
N THR B 119 -14.90 -6.02 18.70
CA THR B 119 -14.37 -7.00 17.78
C THR B 119 -14.54 -6.48 16.36
N ASP B 120 -13.48 -6.57 15.57
CA ASP B 120 -13.53 -6.12 14.18
C ASP B 120 -14.64 -6.89 13.47
N ILE B 121 -15.50 -6.16 12.75
CA ILE B 121 -16.60 -6.81 12.02
C ILE B 121 -16.13 -7.98 11.16
N VAL B 122 -15.08 -7.73 10.38
CA VAL B 122 -14.51 -8.76 9.52
C VAL B 122 -14.12 -9.99 10.34
N ASP B 123 -13.62 -9.76 11.54
CA ASP B 123 -13.29 -10.87 12.44
C ASP B 123 -14.54 -11.71 12.77
N GLU B 124 -15.55 -11.07 13.39
CA GLU B 124 -16.76 -11.79 13.80
C GLU B 124 -17.34 -12.60 12.66
N PHE B 125 -17.50 -11.94 11.51
CA PHE B 125 -18.11 -12.56 10.35
C PHE B 125 -17.27 -13.71 9.83
N SER B 126 -15.95 -13.57 9.99
CA SER B 126 -15.03 -14.64 9.65
C SER B 126 -15.19 -15.86 10.57
N GLU B 127 -15.16 -15.63 11.87
CA GLU B 127 -15.36 -16.71 12.82
C GLU B 127 -16.71 -17.35 12.53
N LEU B 128 -17.72 -16.51 12.34
CA LEU B 128 -19.06 -16.98 12.02
C LEU B 128 -19.04 -17.89 10.80
N ALA B 129 -18.14 -17.58 9.87
CA ALA B 129 -18.02 -18.35 8.64
C ALA B 129 -17.17 -19.60 8.79
N ASP B 130 -16.28 -19.62 9.79
CA ASP B 130 -15.44 -20.80 10.03
C ASP B 130 -16.21 -21.96 10.66
N LYS B 131 -17.25 -21.64 11.43
CA LYS B 131 -18.01 -22.69 12.11
C LYS B 131 -18.98 -23.40 11.17
N SER B 132 -19.44 -22.69 10.14
CA SER B 132 -20.32 -23.30 9.13
C SER B 132 -19.57 -23.75 7.86
N ASN B 133 -18.26 -23.52 7.81
CA ASN B 133 -17.43 -23.85 6.65
C ASN B 133 -17.87 -23.13 5.37
N ALA B 134 -18.30 -21.89 5.51
CA ALA B 134 -18.66 -21.08 4.36
C ALA B 134 -17.40 -20.54 3.72
N LYS B 135 -17.39 -20.50 2.39
CA LYS B 135 -16.23 -20.00 1.64
C LYS B 135 -16.16 -18.47 1.72
N VAL B 136 -15.08 -17.94 2.27
CA VAL B 136 -14.95 -16.49 2.48
C VAL B 136 -14.08 -15.80 1.42
N VAL B 137 -14.63 -14.75 0.79
CA VAL B 137 -13.94 -14.02 -0.27
C VAL B 137 -13.94 -12.50 -0.03
N PHE B 138 -12.76 -11.88 -0.09
CA PHE B 138 -12.62 -10.43 0.09
C PHE B 138 -12.60 -9.67 -1.23
N VAL B 139 -13.51 -8.74 -1.40
CA VAL B 139 -13.66 -8.03 -2.67
C VAL B 139 -13.31 -6.55 -2.55
N SER B 140 -12.64 -6.02 -3.58
CA SER B 140 -12.16 -4.65 -3.55
C SER B 140 -12.76 -3.79 -4.67
N GLY B 146 -17.09 -5.25 -7.50
CA GLY B 146 -15.93 -5.20 -6.64
C GLY B 146 -16.07 -4.09 -5.62
N SER B 147 -16.19 -2.87 -6.14
CA SER B 147 -16.56 -1.72 -5.33
C SER B 147 -18.06 -1.54 -5.48
N GLN B 148 -18.66 -2.36 -6.34
CA GLN B 148 -20.10 -2.37 -6.50
C GLN B 148 -20.68 -3.11 -5.30
N LEU B 149 -19.82 -3.85 -4.62
CA LEU B 149 -20.16 -4.48 -3.36
C LEU B 149 -20.12 -3.45 -2.24
N ASN B 151 -20.36 -0.53 -2.23
CA ASN B 151 -21.25 0.62 -2.40
C ASN B 151 -22.72 0.22 -2.58
N ALA B 152 -22.99 -0.63 -3.56
CA ALA B 152 -24.37 -1.01 -3.86
C ALA B 152 -25.00 -1.85 -2.74
N PHE B 153 -24.17 -2.50 -1.94
CA PHE B 153 -24.69 -3.43 -0.93
C PHE B 153 -24.05 -3.25 0.44
N GLY B 154 -22.96 -2.52 0.51
CA GLY B 154 -22.34 -2.22 1.79
C GLY B 154 -21.18 -3.11 2.18
N GLY B 155 -20.63 -3.83 1.20
CA GLY B 155 -19.42 -4.59 1.44
C GLY B 155 -19.65 -5.93 2.14
N ILE B 156 -20.91 -6.23 2.42
CA ILE B 156 -21.29 -7.53 2.98
C ILE B 156 -22.39 -8.13 2.12
N ALA B 157 -22.18 -9.35 1.66
CA ALA B 157 -23.16 -10.03 0.82
C ALA B 157 -22.91 -11.51 0.93
N ALA B 158 -23.90 -12.31 0.58
CA ALA B 158 -23.75 -13.75 0.69
C ALA B 158 -24.60 -14.47 -0.33
N ILE B 159 -24.06 -15.58 -0.81
CA ILE B 159 -24.79 -16.52 -1.63
C ILE B 159 -25.17 -17.67 -0.71
N LEU B 160 -26.46 -17.80 -0.46
CA LEU B 160 -26.92 -18.82 0.48
C LEU B 160 -26.65 -20.21 -0.08
N ARG B 161 -26.99 -21.22 0.70
CA ARG B 161 -26.95 -22.61 0.24
C ARG B 161 -28.36 -22.98 -0.17
N TYR B 162 -29.31 -22.22 0.37
CA TYR B 162 -30.75 -22.39 0.13
C TYR B 162 -31.49 -21.10 0.57
N ASN B 163 -32.75 -20.97 0.19
CA ASN B 163 -33.57 -19.83 0.62
C ASN B 163 -34.02 -20.01 2.07
N THR B 164 -33.83 -18.99 2.90
CA THR B 164 -34.12 -19.12 4.32
C THR B 164 -35.29 -18.24 4.73
N GLY B 165 -35.64 -17.28 3.90
CA GLY B 165 -36.68 -16.31 4.22
C GLY B 165 -36.10 -15.26 5.13
N VAL B 166 -34.81 -15.36 5.36
CA VAL B 166 -34.08 -14.42 6.20
C VAL B 166 -33.27 -13.48 5.34
#